data_5OCX
#
_entry.id   5OCX
#
_cell.length_a   38.716
_cell.length_b   99.602
_cell.length_c   51.877
_cell.angle_alpha   90.00
_cell.angle_beta   101.88
_cell.angle_gamma   90.00
#
_symmetry.space_group_name_H-M   'P 1 21 1'
#
loop_
_entity.id
_entity.type
_entity.pdbx_description
1 polymer 'Fab fragment anti-citrullinated protein antibody E4 - light chain'
2 polymer 'Fab fragment of anti-citrullinated protein antibody E4 - heavy chain'
3 polymer CII-C-13-CIT
4 non-polymer 1,2-ETHANEDIOL
5 water water
#
loop_
_entity_poly.entity_id
_entity_poly.type
_entity_poly.pdbx_seq_one_letter_code
_entity_poly.pdbx_strand_id
1 'polypeptide(L)'
;(PCA)SVWTQPPSVSAAPGQKVTISCSGDDSILRSAFVSWYQQVPGSAPKLVIFDDRQRPSGIPARFSGSNSGTTATLDI
AGLQRGDEADYYCAAWNGRLSAFVFGSGTKLEIKRADAAPTVSIFPPSSEQLTSGGASVVCFLNNFYPKDINVKWKIDGS
ERQNGVLNSWTDQDSKDSTYSMSSTLTLTKDEYERHNSYTCEATHKTSTSPIVKSFNRNEC
;
L
2 'polypeptide(L)'
;QVQLEESGPGLVRPSETLSLSCTVSGFPMSESYFWGWIRQSPGKGLEWLGSVIHTGTTYYRPSLESRLTIAMDPSKNQVS
LSLTSVTVADSAMYYCVRIRGGSSNWLDPWGPGIVVTASSAKTTPPSVYPLAPGCGDTTGSSVTLGCLVKGYFPESVTVT
WNSGSLSSSVHTFPALLQSGLYTMSSSVTVPSSTWPSQTVTCSVAHPASSTTVDKKIEPRP
;
H
3 'polypeptide(L)' CPAGEEGK(CIR)GARGEPGCA A
#
loop_
_chem_comp.id
_chem_comp.type
_chem_comp.name
_chem_comp.formula
EDO non-polymer 1,2-ETHANEDIOL 'C2 H6 O2'
#
# COMPACT_ATOMS: atom_id res chain seq x y z
N PCA A 1 25.89 1.26 -8.69
CA PCA A 1 24.59 0.94 -9.27
CB PCA A 1 24.24 -0.43 -8.62
CG PCA A 1 25.06 -0.40 -7.32
CD PCA A 1 26.17 0.58 -7.59
OE PCA A 1 27.17 0.76 -6.88
C PCA A 1 23.54 2.02 -8.90
O PCA A 1 23.73 2.79 -7.93
N SER A 2 22.48 2.07 -9.70
CA SER A 2 21.41 3.06 -9.55
C SER A 2 20.36 2.61 -8.54
N VAL A 3 20.45 1.35 -8.09
CA VAL A 3 19.66 0.81 -6.99
C VAL A 3 20.62 -0.04 -6.12
N TRP A 4 20.58 0.11 -4.81
CA TRP A 4 21.41 -0.69 -3.94
C TRP A 4 20.77 -2.06 -3.79
N THR A 5 21.59 -3.08 -3.60
CA THR A 5 21.08 -4.44 -3.55
C THR A 5 20.67 -4.79 -2.12
N GLN A 6 19.42 -5.21 -1.93
CA GLN A 6 18.92 -5.69 -0.62
C GLN A 6 18.30 -7.06 -0.82
N PRO A 7 18.31 -7.93 0.21
CA PRO A 7 17.54 -9.18 0.07
C PRO A 7 16.05 -8.89 -0.02
N PRO A 8 15.30 -9.68 -0.81
CA PRO A 8 13.87 -9.37 -0.95
C PRO A 8 13.07 -9.48 0.35
N SER A 9 13.46 -10.41 1.24
CA SER A 9 12.66 -10.77 2.39
CA SER A 9 12.68 -10.66 2.44
C SER A 9 13.52 -11.23 3.58
N VAL A 10 13.07 -10.92 4.79
CA VAL A 10 13.60 -11.49 6.04
C VAL A 10 12.39 -11.81 6.92
N SER A 11 12.51 -12.85 7.73
CA SER A 11 11.38 -13.36 8.54
C SER A 11 11.89 -13.88 9.86
N ALA A 12 11.24 -13.47 10.96
CA ALA A 12 11.57 -13.97 12.30
C ALA A 12 10.44 -13.71 13.26
N ALA A 13 10.54 -14.33 14.43
CA ALA A 13 9.50 -14.24 15.45
C ALA A 13 9.70 -13.04 16.37
N PRO A 14 8.64 -12.64 17.10
CA PRO A 14 8.80 -11.51 18.00
C PRO A 14 9.86 -11.80 19.07
N GLY A 15 10.60 -10.75 19.44
CA GLY A 15 11.72 -10.86 20.36
C GLY A 15 13.06 -11.19 19.73
N GLN A 16 13.04 -11.73 18.51
CA GLN A 16 14.25 -12.14 17.81
C GLN A 16 14.83 -10.96 17.03
N LYS A 17 15.94 -11.21 16.33
CA LYS A 17 16.70 -10.15 15.66
C LYS A 17 16.88 -10.51 14.21
N VAL A 18 16.75 -9.53 13.32
CA VAL A 18 17.11 -9.70 11.90
C VAL A 18 18.16 -8.66 11.52
N THR A 19 18.89 -8.96 10.47
CA THR A 19 19.80 -8.02 9.88
C THR A 19 19.46 -7.94 8.40
N ILE A 20 19.46 -6.72 7.87
CA ILE A 20 19.14 -6.46 6.48
C ILE A 20 20.35 -5.75 5.86
N SER A 21 20.86 -6.31 4.77
CA SER A 21 22.02 -5.74 4.09
C SER A 21 21.64 -4.80 2.93
N CYS A 22 22.58 -3.95 2.58
CA CYS A 22 22.43 -2.97 1.53
C CYS A 22 23.83 -2.86 0.87
N SER A 23 23.95 -3.27 -0.40
CA SER A 23 25.26 -3.34 -1.08
C SER A 23 25.32 -2.51 -2.35
N GLY A 24 26.47 -1.89 -2.58
CA GLY A 24 26.78 -1.22 -3.85
C GLY A 24 27.96 -1.89 -4.55
N ASP A 25 28.36 -1.35 -5.69
CA ASP A 25 29.56 -1.83 -6.40
C ASP A 25 30.78 -1.59 -5.53
N ASP A 26 31.69 -2.58 -5.51
CA ASP A 26 32.94 -2.54 -4.75
C ASP A 26 32.79 -1.91 -3.35
N SER A 27 33.43 -0.77 -3.09
CA SER A 27 33.36 -0.07 -1.81
C SER A 27 32.77 1.33 -1.93
N ILE A 28 31.86 1.50 -2.87
CA ILE A 28 31.19 2.80 -3.08
C ILE A 28 30.49 3.33 -1.83
N LEU A 29 29.90 2.44 -1.04
CA LEU A 29 29.20 2.86 0.19
C LEU A 29 30.12 3.45 1.25
N ARG A 30 31.42 3.14 1.18
CA ARG A 30 32.40 3.81 2.04
C ARG A 30 32.40 5.33 1.87
N SER A 31 32.06 5.81 0.66
CA SER A 31 32.04 7.24 0.38
C SER A 31 30.73 7.92 0.73
N ALA A 32 29.81 7.22 1.36
CA ALA A 32 28.48 7.78 1.63
C ALA A 32 28.02 7.47 3.02
N PHE A 33 27.18 8.38 3.52
CA PHE A 33 26.41 8.11 4.72
C PHE A 33 25.11 7.41 4.31
N VAL A 34 24.89 6.24 4.88
CA VAL A 34 23.71 5.46 4.59
C VAL A 34 22.60 5.80 5.59
N SER A 35 21.39 5.85 5.06
CA SER A 35 20.20 5.97 5.88
C SER A 35 19.24 4.83 5.58
N TRP A 36 18.35 4.58 6.53
CA TRP A 36 17.35 3.51 6.45
C TRP A 36 15.95 4.01 6.75
N TYR A 37 14.98 3.45 6.04
CA TYR A 37 13.58 3.88 6.08
C TYR A 37 12.71 2.67 6.31
N GLN A 38 11.71 2.86 7.16
CA GLN A 38 10.68 1.86 7.44
C GLN A 38 9.40 2.31 6.77
N GLN A 39 8.84 1.45 5.92
CA GLN A 39 7.58 1.75 5.26
C GLN A 39 6.55 0.67 5.61
N VAL A 40 5.66 1.02 6.53
CA VAL A 40 4.54 0.18 6.87
C VAL A 40 3.55 0.30 5.69
N PRO A 41 3.03 -0.84 5.20
CA PRO A 41 2.14 -0.73 4.04
C PRO A 41 0.99 0.24 4.27
N GLY A 42 0.76 1.09 3.28
CA GLY A 42 -0.24 2.13 3.36
C GLY A 42 0.21 3.45 3.97
N SER A 43 1.49 3.56 4.35
CA SER A 43 2.03 4.75 4.99
C SER A 43 3.27 5.21 4.28
N ALA A 44 3.67 6.45 4.56
CA ALA A 44 4.91 6.96 4.04
C ALA A 44 6.09 6.29 4.72
N PRO A 45 7.24 6.21 4.03
CA PRO A 45 8.48 5.81 4.70
C PRO A 45 8.82 6.70 5.88
N LYS A 46 9.49 6.12 6.85
CA LYS A 46 9.90 6.84 8.04
C LYS A 46 11.39 6.60 8.28
N LEU A 47 12.14 7.67 8.49
CA LEU A 47 13.57 7.54 8.84
C LEU A 47 13.82 6.80 10.18
N VAL A 48 14.54 5.69 10.13
CA VAL A 48 14.94 4.96 11.33
C VAL A 48 16.43 5.05 11.68
N ILE A 49 17.30 5.14 10.67
CA ILE A 49 18.75 5.29 10.88
C ILE A 49 19.25 6.30 9.89
N PHE A 50 20.19 7.14 10.35
CA PHE A 50 20.87 8.07 9.46
C PHE A 50 22.36 8.14 9.81
N ASP A 51 23.14 8.70 8.89
CA ASP A 51 24.60 8.77 9.02
C ASP A 51 25.18 7.43 9.49
N ASP A 52 24.77 6.37 8.79
CA ASP A 52 25.16 4.97 9.02
C ASP A 52 24.59 4.29 10.27
N ARG A 53 24.67 4.97 11.41
CA ARG A 53 24.39 4.39 12.72
C ARG A 53 23.60 5.27 13.70
N GLN A 54 23.18 6.47 13.33
CA GLN A 54 22.51 7.37 14.28
C GLN A 54 21.02 7.10 14.24
N ARG A 55 20.35 7.34 15.36
CA ARG A 55 18.89 7.15 15.46
C ARG A 55 18.25 8.49 15.60
N PRO A 56 17.23 8.78 14.77
CA PRO A 56 16.40 9.94 15.08
C PRO A 56 15.77 9.86 16.48
N SER A 57 15.48 11.01 17.08
CA SER A 57 14.85 11.02 18.39
CA SER A 57 14.83 11.05 18.40
C SER A 57 13.54 10.22 18.32
N GLY A 58 13.31 9.39 19.32
CA GLY A 58 12.10 8.60 19.37
C GLY A 58 12.14 7.24 18.69
N ILE A 59 13.18 6.98 17.88
CA ILE A 59 13.40 5.64 17.34
C ILE A 59 14.10 4.81 18.39
N PRO A 60 13.58 3.60 18.71
CA PRO A 60 14.23 2.85 19.78
C PRO A 60 15.59 2.25 19.40
N ALA A 61 16.42 2.05 20.42
CA ALA A 61 17.79 1.54 20.22
C ALA A 61 17.90 0.12 19.68
N ARG A 62 16.82 -0.63 19.68
CA ARG A 62 16.82 -1.91 19.01
C ARG A 62 16.95 -1.84 17.47
N PHE A 63 16.76 -0.66 16.88
CA PHE A 63 17.17 -0.37 15.50
C PHE A 63 18.58 0.19 15.54
N SER A 64 19.48 -0.45 14.80
CA SER A 64 20.87 -0.04 14.75
C SER A 64 21.41 -0.28 13.36
N GLY A 65 22.47 0.45 13.03
CA GLY A 65 23.02 0.40 11.68
C GLY A 65 24.53 0.46 11.68
N SER A 66 25.12 -0.05 10.60
CA SER A 66 26.55 0.06 10.34
C SER A 66 26.78 0.14 8.84
N ASN A 67 27.97 0.61 8.48
CA ASN A 67 28.41 0.75 7.11
C ASN A 67 29.85 0.25 7.02
N SER A 68 30.00 -0.96 6.50
CA SER A 68 31.31 -1.59 6.33
C SER A 68 32.07 -1.01 5.17
N GLY A 69 31.36 -0.40 4.21
CA GLY A 69 31.99 0.23 3.06
C GLY A 69 31.68 -0.56 1.81
N THR A 70 31.68 -1.87 1.93
CA THR A 70 31.17 -2.73 0.88
C THR A 70 29.67 -2.99 1.05
N THR A 71 29.21 -3.01 2.29
CA THR A 71 27.80 -3.30 2.58
C THR A 71 27.44 -2.51 3.80
N ALA A 72 26.19 -2.05 3.85
CA ALA A 72 25.63 -1.42 5.02
C ALA A 72 24.57 -2.35 5.56
N THR A 73 24.35 -2.29 6.87
CA THR A 73 23.50 -3.27 7.54
C THR A 73 22.57 -2.57 8.54
N LEU A 74 21.28 -2.86 8.43
CA LEU A 74 20.29 -2.46 9.43
C LEU A 74 20.03 -3.67 10.32
N ASP A 75 20.21 -3.52 11.62
CA ASP A 75 19.82 -4.52 12.61
C ASP A 75 18.51 -4.10 13.24
N ILE A 76 17.59 -5.04 13.38
CA ILE A 76 16.35 -4.80 14.11
C ILE A 76 16.25 -5.93 15.11
N ALA A 77 16.47 -5.61 16.38
CA ALA A 77 16.38 -6.57 17.48
C ALA A 77 15.04 -6.43 18.20
N GLY A 78 14.73 -7.41 19.04
CA GLY A 78 13.53 -7.39 19.87
C GLY A 78 12.28 -7.17 19.05
N LEU A 79 12.13 -7.94 17.98
CA LEU A 79 11.07 -7.74 17.00
C LEU A 79 9.68 -7.70 17.65
N GLN A 80 8.89 -6.76 17.19
CA GLN A 80 7.52 -6.59 17.61
C GLN A 80 6.64 -6.71 16.39
N ARG A 81 5.37 -7.05 16.61
CA ARG A 81 4.47 -7.30 15.46
C ARG A 81 4.30 -6.05 14.61
N GLY A 82 4.35 -4.88 15.25
CA GLY A 82 4.30 -3.60 14.56
C GLY A 82 5.50 -3.26 13.68
N ASP A 83 6.57 -4.08 13.74
CA ASP A 83 7.74 -3.92 12.89
C ASP A 83 7.55 -4.43 11.47
N GLU A 84 6.46 -5.15 11.17
CA GLU A 84 6.23 -5.62 9.79
C GLU A 84 6.14 -4.42 8.84
N ALA A 85 6.94 -4.45 7.78
CA ALA A 85 7.16 -3.29 6.93
C ALA A 85 8.14 -3.69 5.84
N ASP A 86 8.26 -2.81 4.85
CA ASP A 86 9.39 -2.86 3.94
C ASP A 86 10.46 -1.90 4.46
N TYR A 87 11.72 -2.32 4.42
CA TYR A 87 12.84 -1.48 4.80
C TYR A 87 13.73 -1.18 3.60
N TYR A 88 14.03 0.10 3.42
CA TYR A 88 14.87 0.59 2.32
C TYR A 88 16.11 1.24 2.88
N CYS A 89 17.28 0.92 2.33
CA CYS A 89 18.46 1.74 2.60
C CYS A 89 18.49 2.82 1.54
N ALA A 90 19.32 3.81 1.78
CA ALA A 90 19.54 4.88 0.81
C ALA A 90 20.89 5.54 1.06
N ALA A 91 21.41 6.15 0.00
CA ALA A 91 22.73 6.77 0.02
C ALA A 91 23.00 7.51 -1.29
N TRP A 92 23.74 8.59 -1.18
CA TRP A 92 24.25 9.29 -2.35
C TRP A 92 25.24 8.39 -3.10
N ASN A 93 25.08 8.30 -4.40
CA ASN A 93 26.04 7.65 -5.29
C ASN A 93 26.81 8.75 -6.05
N GLY A 94 28.04 8.99 -5.60
CA GLY A 94 28.89 10.01 -6.22
C GLY A 94 29.33 9.73 -7.65
N ARG A 95 29.37 8.45 -8.03
CA ARG A 95 29.69 8.06 -9.40
C ARG A 95 28.57 8.43 -10.39
N LEU A 96 27.33 8.36 -9.92
CA LEU A 96 26.17 8.79 -10.73
C LEU A 96 25.71 10.22 -10.44
N SER A 97 26.26 10.82 -9.39
CA SER A 97 25.79 12.09 -8.84
CA SER A 97 25.78 12.09 -8.86
C SER A 97 24.26 12.08 -8.69
N ALA A 98 23.78 11.08 -7.95
CA ALA A 98 22.34 10.95 -7.68
C ALA A 98 22.14 10.22 -6.37
N PHE A 99 21.00 10.43 -5.75
CA PHE A 99 20.65 9.75 -4.51
C PHE A 99 19.99 8.43 -4.88
N VAL A 100 20.48 7.36 -4.32
CA VAL A 100 20.06 6.02 -4.70
C VAL A 100 19.43 5.34 -3.51
N PHE A 101 18.32 4.63 -3.77
CA PHE A 101 17.68 3.78 -2.76
C PHE A 101 18.00 2.32 -3.03
N GLY A 102 17.92 1.52 -1.98
CA GLY A 102 17.95 0.07 -2.10
C GLY A 102 16.68 -0.51 -2.68
N SER A 103 16.74 -1.76 -3.11
CA SER A 103 15.58 -2.42 -3.74
C SER A 103 14.48 -2.82 -2.75
N GLY A 104 14.76 -2.78 -1.45
CA GLY A 104 13.77 -2.93 -0.39
C GLY A 104 13.70 -4.36 0.12
N THR A 105 13.48 -4.51 1.42
CA THR A 105 13.37 -5.80 2.08
C THR A 105 12.08 -5.84 2.91
N LYS A 106 11.23 -6.82 2.66
CA LYS A 106 10.01 -6.99 3.43
C LYS A 106 10.32 -7.84 4.64
N LEU A 107 10.02 -7.31 5.82
CA LEU A 107 10.12 -8.04 7.06
C LEU A 107 8.78 -8.70 7.39
N GLU A 108 8.76 -10.02 7.47
CA GLU A 108 7.61 -10.75 7.97
C GLU A 108 7.87 -11.15 9.41
N ILE A 109 6.88 -10.88 10.27
CA ILE A 109 6.92 -11.31 11.66
C ILE A 109 6.19 -12.65 11.78
N LYS A 110 6.91 -13.67 12.22
CA LYS A 110 6.34 -15.00 12.37
C LYS A 110 5.31 -15.08 13.50
N ARG A 111 4.40 -16.04 13.37
CA ARG A 111 3.42 -16.33 14.41
C ARG A 111 3.04 -17.79 14.30
N ALA A 112 2.24 -18.27 15.25
CA ALA A 112 1.63 -19.59 15.16
C ALA A 112 0.76 -19.67 13.91
N ASP A 113 0.77 -20.83 13.25
CA ASP A 113 -0.10 -21.06 12.11
C ASP A 113 -1.55 -20.83 12.54
N ALA A 114 -2.35 -20.28 11.63
CA ALA A 114 -3.74 -19.91 11.92
C ALA A 114 -4.59 -20.17 10.68
N ALA A 115 -5.67 -20.91 10.87
CA ALA A 115 -6.60 -21.20 9.81
C ALA A 115 -7.44 -19.95 9.48
N PRO A 116 -7.81 -19.79 8.21
CA PRO A 116 -8.61 -18.63 7.85
C PRO A 116 -10.04 -18.78 8.34
N THR A 117 -10.65 -17.65 8.69
CA THR A 117 -12.07 -17.55 8.90
C THR A 117 -12.68 -17.23 7.56
N VAL A 118 -13.48 -18.16 7.06
CA VAL A 118 -13.98 -18.08 5.70
C VAL A 118 -15.46 -17.66 5.71
N SER A 119 -15.80 -16.67 4.89
CA SER A 119 -17.14 -16.11 4.78
C SER A 119 -17.49 -16.02 3.30
N ILE A 120 -18.70 -16.43 2.90
CA ILE A 120 -19.14 -16.36 1.50
C ILE A 120 -20.38 -15.46 1.33
N PHE A 121 -20.42 -14.74 0.22
CA PHE A 121 -21.45 -13.73 -0.06
C PHE A 121 -22.05 -13.86 -1.45
N PRO A 122 -23.39 -13.99 -1.52
CA PRO A 122 -24.03 -13.93 -2.83
C PRO A 122 -23.91 -12.56 -3.46
N PRO A 123 -24.16 -12.48 -4.78
CA PRO A 123 -24.26 -11.18 -5.41
C PRO A 123 -25.45 -10.40 -4.85
N SER A 124 -25.32 -9.08 -4.81
CA SER A 124 -26.43 -8.22 -4.43
C SER A 124 -27.38 -8.10 -5.62
N SER A 125 -28.66 -7.92 -5.34
CA SER A 125 -29.65 -7.62 -6.37
C SER A 125 -29.22 -6.43 -7.23
N GLU A 126 -28.65 -5.41 -6.58
CA GLU A 126 -28.19 -4.22 -7.25
C GLU A 126 -27.17 -4.51 -8.35
N GLN A 127 -26.22 -5.41 -8.09
CA GLN A 127 -25.22 -5.73 -9.11
C GLN A 127 -25.85 -6.49 -10.25
N LEU A 128 -26.68 -7.48 -9.91
CA LEU A 128 -27.34 -8.33 -10.90
C LEU A 128 -28.09 -7.49 -11.90
N THR A 129 -28.84 -6.53 -11.39
CA THR A 129 -29.70 -5.74 -12.27
C THR A 129 -28.91 -5.16 -13.45
N SER A 130 -27.62 -4.90 -13.24
CA SER A 130 -26.73 -4.37 -14.29
C SER A 130 -25.96 -5.43 -15.14
N GLY A 131 -26.28 -6.71 -15.00
CA GLY A 131 -25.77 -7.75 -15.90
C GLY A 131 -24.68 -8.67 -15.38
N GLY A 132 -23.96 -8.24 -14.34
CA GLY A 132 -22.88 -9.03 -13.72
C GLY A 132 -23.25 -9.62 -12.37
N ALA A 133 -22.53 -10.67 -11.96
CA ALA A 133 -22.74 -11.34 -10.69
C ALA A 133 -21.40 -11.77 -10.06
N SER A 134 -21.00 -11.10 -8.98
CA SER A 134 -19.78 -11.42 -8.27
C SER A 134 -20.14 -12.13 -6.99
N VAL A 135 -19.63 -13.33 -6.81
CA VAL A 135 -19.75 -14.06 -5.57
C VAL A 135 -18.43 -13.83 -4.85
N VAL A 136 -18.51 -13.41 -3.58
CA VAL A 136 -17.32 -13.03 -2.84
C VAL A 136 -17.11 -13.97 -1.68
N CYS A 137 -15.84 -14.37 -1.52
CA CYS A 137 -15.38 -15.12 -0.38
CA CYS A 137 -15.38 -15.09 -0.34
C CYS A 137 -14.26 -14.34 0.34
N PHE A 138 -14.40 -14.15 1.66
CA PHE A 138 -13.32 -13.60 2.48
C PHE A 138 -12.66 -14.73 3.24
N LEU A 139 -11.34 -14.77 3.19
CA LEU A 139 -10.57 -15.75 3.96
C LEU A 139 -9.65 -14.91 4.81
N ASN A 140 -9.98 -14.78 6.10
CA ASN A 140 -9.44 -13.74 6.95
C ASN A 140 -8.60 -14.29 8.10
N ASN A 141 -7.55 -13.54 8.44
CA ASN A 141 -6.68 -13.77 9.60
C ASN A 141 -6.09 -15.17 9.63
N PHE A 142 -5.36 -15.48 8.59
CA PHE A 142 -4.65 -16.74 8.50
C PHE A 142 -3.14 -16.53 8.46
N TYR A 143 -2.42 -17.62 8.72
CA TYR A 143 -0.97 -17.65 8.66
C TYR A 143 -0.52 -19.09 8.47
N PRO A 144 0.46 -19.38 7.60
CA PRO A 144 1.21 -18.41 6.77
C PRO A 144 0.44 -17.95 5.53
N LYS A 145 1.08 -17.10 4.71
CA LYS A 145 0.40 -16.45 3.58
C LYS A 145 -0.09 -17.40 2.50
N ASP A 146 0.57 -18.55 2.34
CA ASP A 146 0.26 -19.48 1.25
C ASP A 146 -1.08 -20.11 1.47
N ILE A 147 -1.93 -20.08 0.44
CA ILE A 147 -3.29 -20.58 0.58
C ILE A 147 -3.82 -20.80 -0.84
N ASN A 148 -4.60 -21.87 -1.03
CA ASN A 148 -5.24 -22.14 -2.32
C ASN A 148 -6.73 -22.00 -2.13
N VAL A 149 -7.39 -21.37 -3.10
CA VAL A 149 -8.83 -21.26 -3.08
C VAL A 149 -9.38 -21.85 -4.36
N LYS A 150 -10.40 -22.69 -4.19
CA LYS A 150 -11.09 -23.28 -5.32
C LYS A 150 -12.54 -22.86 -5.22
N TRP A 151 -13.14 -22.51 -6.35
CA TRP A 151 -14.59 -22.31 -6.47
C TRP A 151 -15.27 -23.52 -7.11
N LYS A 152 -16.47 -23.85 -6.60
CA LYS A 152 -17.32 -24.89 -7.18
C LYS A 152 -18.71 -24.32 -7.42
N ILE A 153 -19.27 -24.59 -8.60
CA ILE A 153 -20.64 -24.20 -8.93
C ILE A 153 -21.40 -25.51 -9.03
N ASP A 154 -22.39 -25.70 -8.14
CA ASP A 154 -23.10 -26.98 -8.02
C ASP A 154 -22.15 -28.18 -7.85
N GLY A 155 -21.13 -28.01 -7.00
CA GLY A 155 -20.13 -29.05 -6.75
C GLY A 155 -19.03 -29.24 -7.79
N SER A 156 -19.10 -28.51 -8.91
CA SER A 156 -18.12 -28.64 -9.98
CA SER A 156 -18.12 -28.63 -10.01
C SER A 156 -17.15 -27.45 -9.98
N GLU A 157 -15.84 -27.74 -10.06
CA GLU A 157 -14.80 -26.69 -10.02
C GLU A 157 -14.98 -25.67 -11.14
N ARG A 158 -14.77 -24.40 -10.81
CA ARG A 158 -14.86 -23.27 -11.72
C ARG A 158 -13.51 -22.55 -11.76
N GLN A 159 -12.92 -22.50 -12.96
CA GLN A 159 -11.57 -21.97 -13.20
C GLN A 159 -11.57 -20.51 -13.62
N ASN A 160 -12.50 -20.14 -14.51
CA ASN A 160 -12.54 -18.81 -15.09
C ASN A 160 -13.36 -17.83 -14.25
N GLY A 161 -12.96 -16.57 -14.26
CA GLY A 161 -13.69 -15.52 -13.60
C GLY A 161 -13.35 -15.32 -12.14
N VAL A 162 -12.23 -15.90 -11.69
CA VAL A 162 -11.80 -15.80 -10.31
C VAL A 162 -10.69 -14.76 -10.20
N LEU A 163 -10.84 -13.82 -9.27
CA LEU A 163 -9.81 -12.87 -8.91
C LEU A 163 -9.56 -12.86 -7.42
N ASN A 164 -8.28 -12.98 -7.05
CA ASN A 164 -7.86 -13.05 -5.67
C ASN A 164 -7.01 -11.84 -5.33
N SER A 165 -7.21 -11.30 -4.13
CA SER A 165 -6.44 -10.15 -3.62
C SER A 165 -6.04 -10.38 -2.16
N TRP A 166 -4.75 -10.23 -1.85
CA TRP A 166 -4.21 -10.45 -0.50
C TRP A 166 -3.93 -9.14 0.19
N THR A 167 -4.15 -9.09 1.50
CA THR A 167 -3.70 -7.93 2.25
C THR A 167 -2.20 -8.08 2.53
N ASP A 168 -1.60 -6.98 2.97
CA ASP A 168 -0.31 -7.03 3.63
C ASP A 168 -0.43 -7.70 5.00
N GLN A 169 0.69 -8.05 5.62
CA GLN A 169 0.66 -8.67 6.92
C GLN A 169 0.06 -7.73 7.97
N ASP A 170 -0.75 -8.29 8.88
CA ASP A 170 -1.41 -7.47 9.88
C ASP A 170 -0.41 -7.00 10.94
N SER A 171 -0.41 -5.70 11.20
CA SER A 171 0.53 -5.10 12.16
C SER A 171 0.27 -5.50 13.63
N LYS A 172 -0.95 -5.95 13.96
CA LYS A 172 -1.28 -6.33 15.35
C LYS A 172 -1.26 -7.82 15.64
N ASP A 173 -1.70 -8.66 14.70
CA ASP A 173 -1.74 -10.12 14.92
C ASP A 173 -0.90 -10.98 13.94
N SER A 174 -0.14 -10.34 13.06
CA SER A 174 0.75 -11.00 12.08
C SER A 174 0.10 -11.97 11.09
N THR A 175 -1.22 -11.85 10.92
CA THR A 175 -1.94 -12.69 9.97
C THR A 175 -2.08 -11.97 8.62
N TYR A 176 -2.59 -12.73 7.65
CA TYR A 176 -2.90 -12.25 6.32
C TYR A 176 -4.37 -12.50 6.09
N SER A 177 -4.95 -11.74 5.17
CA SER A 177 -6.30 -11.96 4.74
C SER A 177 -6.35 -11.91 3.22
N MET A 178 -7.37 -12.53 2.64
CA MET A 178 -7.53 -12.57 1.22
C MET A 178 -9.00 -12.51 0.81
N SER A 179 -9.27 -11.85 -0.31
CA SER A 179 -10.60 -11.90 -0.95
C SER A 179 -10.49 -12.73 -2.20
N SER A 180 -11.49 -13.57 -2.45
CA SER A 180 -11.58 -14.32 -3.71
C SER A 180 -12.94 -13.99 -4.26
N THR A 181 -12.97 -13.51 -5.50
CA THR A 181 -14.19 -13.07 -6.13
C THR A 181 -14.42 -13.80 -7.45
N LEU A 182 -15.53 -14.52 -7.54
CA LEU A 182 -15.95 -15.19 -8.78
C LEU A 182 -16.95 -14.34 -9.50
N THR A 183 -16.61 -13.83 -10.68
CA THR A 183 -17.56 -13.02 -11.44
C THR A 183 -18.10 -13.80 -12.64
N LEU A 184 -19.43 -13.92 -12.68
CA LEU A 184 -20.17 -14.49 -13.80
C LEU A 184 -21.10 -13.42 -14.36
N THR A 185 -21.81 -13.75 -15.44
CA THR A 185 -22.93 -12.90 -15.84
C THR A 185 -24.10 -13.20 -14.92
N LYS A 186 -25.07 -12.29 -14.90
CA LYS A 186 -26.30 -12.53 -14.18
C LYS A 186 -26.97 -13.84 -14.63
N ASP A 187 -27.10 -13.98 -15.95
CA ASP A 187 -27.77 -15.17 -16.51
C ASP A 187 -27.09 -16.45 -16.09
N GLU A 188 -25.75 -16.45 -16.13
CA GLU A 188 -24.99 -17.60 -15.66
C GLU A 188 -25.25 -17.90 -14.19
N TYR A 189 -25.11 -16.87 -13.35
CA TYR A 189 -25.31 -17.01 -11.90
C TYR A 189 -26.66 -17.66 -11.59
N GLU A 190 -27.69 -17.23 -12.30
CA GLU A 190 -29.05 -17.69 -12.07
C GLU A 190 -29.35 -19.10 -12.55
N ARG A 191 -28.49 -19.67 -13.41
CA ARG A 191 -28.64 -21.07 -13.86
C ARG A 191 -28.26 -22.11 -12.76
N HIS A 192 -27.66 -21.71 -11.63
CA HIS A 192 -27.16 -22.67 -10.63
C HIS A 192 -27.70 -22.41 -9.24
N ASN A 193 -27.58 -23.41 -8.36
CA ASN A 193 -28.07 -23.34 -6.97
C ASN A 193 -27.00 -23.16 -5.89
N SER A 194 -25.93 -23.97 -5.93
CA SER A 194 -24.91 -23.94 -4.87
CA SER A 194 -24.90 -23.97 -4.87
C SER A 194 -23.60 -23.33 -5.35
N TYR A 195 -23.03 -22.45 -4.53
CA TYR A 195 -21.77 -21.78 -4.77
C TYR A 195 -20.90 -22.07 -3.59
N THR A 196 -19.68 -22.54 -3.86
CA THR A 196 -18.79 -22.96 -2.80
C THR A 196 -17.44 -22.35 -3.00
N CYS A 197 -16.87 -21.85 -1.90
CA CYS A 197 -15.48 -21.40 -1.79
CA CYS A 197 -15.46 -21.54 -1.92
C CYS A 197 -14.75 -22.40 -0.90
N GLU A 198 -13.71 -23.08 -1.40
CA GLU A 198 -12.91 -24.02 -0.62
C GLU A 198 -11.51 -23.50 -0.45
N ALA A 199 -11.07 -23.40 0.79
CA ALA A 199 -9.72 -22.96 1.15
C ALA A 199 -8.88 -24.15 1.55
N THR A 200 -7.73 -24.30 0.93
CA THR A 200 -6.76 -25.29 1.31
C THR A 200 -5.59 -24.54 1.90
N HIS A 201 -5.33 -24.82 3.17
CA HIS A 201 -4.29 -24.16 3.97
CA HIS A 201 -4.29 -24.16 3.94
C HIS A 201 -3.56 -25.21 4.78
N LYS A 202 -2.29 -24.96 5.10
CA LYS A 202 -1.48 -25.99 5.77
C LYS A 202 -1.98 -26.40 7.16
N THR A 203 -2.81 -25.54 7.77
CA THR A 203 -3.46 -25.81 9.05
C THR A 203 -4.51 -26.92 9.01
N SER A 204 -4.87 -27.40 7.82
CA SER A 204 -5.70 -28.60 7.75
C SER A 204 -5.45 -29.35 6.48
N THR A 205 -5.41 -30.67 6.58
CA THR A 205 -5.35 -31.54 5.43
C THR A 205 -6.69 -31.57 4.68
N SER A 206 -7.77 -31.24 5.41
CA SER A 206 -9.09 -31.05 4.84
C SER A 206 -9.36 -29.56 4.52
N PRO A 207 -9.92 -29.25 3.32
CA PRO A 207 -10.23 -27.85 3.05
C PRO A 207 -11.33 -27.29 3.94
N ILE A 208 -11.25 -25.98 4.22
CA ILE A 208 -12.35 -25.24 4.84
C ILE A 208 -13.32 -24.89 3.73
N VAL A 209 -14.58 -25.29 3.87
CA VAL A 209 -15.59 -25.19 2.82
C VAL A 209 -16.71 -24.28 3.33
N LYS A 210 -17.02 -23.25 2.56
CA LYS A 210 -18.18 -22.40 2.83
C LYS A 210 -19.00 -22.29 1.58
N SER A 211 -20.30 -22.49 1.74
CA SER A 211 -21.24 -22.54 0.64
CA SER A 211 -21.23 -22.51 0.63
C SER A 211 -22.53 -21.80 0.98
N PHE A 212 -23.27 -21.45 -0.06
CA PHE A 212 -24.64 -21.05 0.11
C PHE A 212 -25.43 -21.71 -1.00
N ASN A 213 -26.66 -22.06 -0.65
CA ASN A 213 -27.61 -22.62 -1.58
C ASN A 213 -28.69 -21.57 -1.78
N ARG A 214 -28.93 -21.18 -3.03
CA ARG A 214 -29.98 -20.21 -3.33
C ARG A 214 -31.38 -20.67 -2.89
N ASN A 215 -31.62 -21.98 -2.90
CA ASN A 215 -32.91 -22.53 -2.42
C ASN A 215 -33.16 -22.44 -0.90
N GLU A 216 -32.14 -22.10 -0.11
CA GLU A 216 -32.33 -21.77 1.32
C GLU A 216 -33.15 -20.48 1.55
N CYS A 217 -33.21 -19.60 0.55
CA CYS A 217 -34.05 -18.39 0.63
C CYS A 217 -35.55 -18.68 0.46
N GLN B 1 7.49 20.86 15.03
CA GLN B 1 8.30 19.90 14.23
C GLN B 1 7.73 19.84 12.79
N VAL B 2 8.57 19.48 11.82
CA VAL B 2 8.26 19.70 10.40
C VAL B 2 6.96 18.98 9.98
N GLN B 3 6.05 19.72 9.36
CA GLN B 3 4.78 19.17 8.81
C GLN B 3 4.76 19.37 7.29
N LEU B 4 4.46 18.31 6.53
CA LEU B 4 4.45 18.35 5.07
C LEU B 4 3.17 17.76 4.49
N GLU B 5 2.56 18.44 3.53
CA GLU B 5 1.48 17.80 2.77
C GLU B 5 1.48 18.18 1.31
N GLU B 6 1.35 17.15 0.47
CA GLU B 6 1.33 17.27 -0.98
C GLU B 6 -0.07 17.61 -1.47
N SER B 7 -0.16 18.40 -2.54
CA SER B 7 -1.42 18.63 -3.24
C SER B 7 -1.21 18.65 -4.73
N GLY B 8 -2.30 18.44 -5.44
CA GLY B 8 -2.26 18.38 -6.90
C GLY B 8 -3.24 17.37 -7.41
N PRO B 9 -3.28 17.20 -8.74
CA PRO B 9 -4.22 16.30 -9.36
C PRO B 9 -3.86 14.83 -9.14
N GLY B 10 -4.88 14.00 -9.05
CA GLY B 10 -4.72 12.54 -9.08
C GLY B 10 -4.69 11.92 -10.47
N LEU B 11 -5.05 12.70 -11.47
CA LEU B 11 -5.08 12.22 -12.86
C LEU B 11 -4.48 13.29 -13.78
N VAL B 12 -3.53 12.87 -14.61
CA VAL B 12 -2.94 13.74 -15.62
C VAL B 12 -2.92 12.95 -16.92
N ARG B 13 -3.09 13.63 -18.04
CA ARG B 13 -3.05 12.95 -19.35
C ARG B 13 -1.63 12.86 -19.86
N PRO B 14 -1.30 11.78 -20.59
CA PRO B 14 0.03 11.70 -21.18
C PRO B 14 0.37 12.94 -21.98
N SER B 15 1.63 13.36 -21.87
CA SER B 15 2.21 14.53 -22.55
C SER B 15 1.89 15.84 -21.90
N GLU B 16 1.04 15.87 -20.87
CA GLU B 16 0.75 17.08 -20.17
C GLU B 16 1.77 17.20 -19.03
N THR B 17 1.70 18.32 -18.32
CA THR B 17 2.63 18.63 -17.22
CA THR B 17 2.64 18.59 -17.22
C THR B 17 2.03 18.17 -15.88
N LEU B 18 2.80 17.41 -15.10
CA LEU B 18 2.38 17.06 -13.74
C LEU B 18 2.90 18.15 -12.83
N SER B 19 1.98 18.85 -12.19
CA SER B 19 2.31 19.90 -11.24
CA SER B 19 2.31 19.90 -11.24
C SER B 19 1.84 19.52 -9.84
N LEU B 20 2.80 19.37 -8.92
CA LEU B 20 2.48 19.09 -7.51
C LEU B 20 3.02 20.19 -6.63
N SER B 21 2.38 20.35 -5.49
CA SER B 21 2.77 21.34 -4.51
C SER B 21 2.91 20.65 -3.15
N CYS B 22 3.80 21.18 -2.31
CA CYS B 22 3.97 20.70 -0.96
C CYS B 22 4.06 21.87 -0.01
N THR B 23 3.18 21.90 0.98
CA THR B 23 3.26 22.93 2.00
C THR B 23 4.05 22.43 3.19
N VAL B 24 5.01 23.25 3.60
CA VAL B 24 5.89 22.98 4.73
C VAL B 24 5.44 23.84 5.91
N SER B 25 5.14 23.20 7.04
CA SER B 25 4.72 23.93 8.22
C SER B 25 5.59 23.57 9.38
N GLY B 26 5.78 24.54 10.26
CA GLY B 26 6.45 24.30 11.54
C GLY B 26 7.96 24.24 11.42
N PHE B 27 8.51 24.77 10.33
CA PHE B 27 9.96 24.72 10.12
C PHE B 27 10.40 25.74 9.09
N PRO B 28 11.54 26.42 9.34
CA PRO B 28 11.97 27.44 8.39
C PRO B 28 12.59 26.83 7.14
N MET B 29 12.11 27.27 5.97
CA MET B 29 12.73 26.86 4.70
C MET B 29 14.03 27.59 4.41
N SER B 30 14.36 28.63 5.18
CA SER B 30 15.64 29.30 5.06
C SER B 30 16.76 28.60 5.84
N GLU B 31 16.46 27.53 6.59
CA GLU B 31 17.53 26.77 7.22
C GLU B 31 18.25 25.87 6.21
N SER B 32 19.35 25.25 6.64
CA SER B 32 20.22 24.51 5.73
C SER B 32 19.72 23.09 5.48
N TYR B 33 18.55 23.02 4.84
CA TYR B 33 17.93 21.77 4.43
C TYR B 33 17.48 21.87 3.00
N PHE B 34 17.57 20.74 2.31
CA PHE B 34 16.97 20.61 1.02
C PHE B 34 15.51 20.18 1.15
N TRP B 35 14.76 20.45 0.11
CA TRP B 35 13.34 20.11 0.00
C TRP B 35 13.14 19.42 -1.34
N GLY B 36 12.50 18.26 -1.33
CA GLY B 36 12.53 17.39 -2.50
C GLY B 36 11.34 16.47 -2.65
N TRP B 37 11.50 15.58 -3.63
CA TRP B 37 10.40 14.74 -4.08
C TRP B 37 10.94 13.35 -4.37
N ILE B 38 10.21 12.35 -3.90
CA ILE B 38 10.49 10.94 -4.07
C ILE B 38 9.19 10.36 -4.65
N ARG B 39 9.29 9.31 -5.48
CA ARG B 39 8.09 8.62 -5.90
C ARG B 39 8.22 7.12 -5.77
N GLN B 40 7.07 6.46 -5.78
CA GLN B 40 7.02 5.02 -5.63
C GLN B 40 5.88 4.49 -6.50
N SER B 41 6.21 3.62 -7.44
CA SER B 41 5.20 3.04 -8.35
C SER B 41 4.60 1.84 -7.69
N PRO B 42 3.29 1.59 -7.92
CA PRO B 42 2.60 0.50 -7.24
C PRO B 42 3.39 -0.79 -7.25
N GLY B 43 3.55 -1.40 -6.08
CA GLY B 43 4.27 -2.65 -5.95
C GLY B 43 5.76 -2.57 -6.23
N LYS B 44 6.32 -1.36 -6.29
CA LYS B 44 7.74 -1.17 -6.61
C LYS B 44 8.43 -0.26 -5.58
N GLY B 45 9.68 0.14 -5.87
CA GLY B 45 10.53 0.78 -4.90
C GLY B 45 10.48 2.29 -4.95
N LEU B 46 11.34 2.88 -4.15
CA LEU B 46 11.43 4.33 -4.00
C LEU B 46 12.42 4.91 -5.01
N GLU B 47 12.02 6.01 -5.63
CA GLU B 47 12.81 6.67 -6.64
C GLU B 47 12.98 8.17 -6.32
N TRP B 48 14.21 8.59 -6.04
CA TRP B 48 14.53 10.00 -5.83
C TRP B 48 14.40 10.78 -7.12
N LEU B 49 13.66 11.88 -7.05
CA LEU B 49 13.42 12.74 -8.20
C LEU B 49 14.34 13.94 -8.20
N GLY B 50 14.50 14.54 -7.04
CA GLY B 50 15.35 15.71 -6.94
C GLY B 50 15.03 16.54 -5.72
N SER B 51 15.75 17.64 -5.60
CA SER B 51 15.65 18.48 -4.44
C SER B 51 16.21 19.87 -4.73
N VAL B 52 15.87 20.78 -3.82
CA VAL B 52 16.28 22.18 -3.93
C VAL B 52 16.51 22.75 -2.54
N ILE B 53 17.37 23.77 -2.46
CA ILE B 53 17.62 24.50 -1.24
C ILE B 53 17.40 25.99 -1.53
N HIS B 54 17.17 26.77 -0.48
CA HIS B 54 16.82 28.19 -0.57
C HIS B 54 17.80 29.06 -1.37
N THR B 55 19.09 28.68 -1.39
CA THR B 55 20.08 29.36 -2.24
C THR B 55 19.85 29.16 -3.74
N GLY B 56 19.07 28.14 -4.10
CA GLY B 56 18.71 27.88 -5.49
C GLY B 56 19.39 26.63 -6.05
N THR B 57 20.36 26.08 -5.34
CA THR B 57 21.05 24.88 -5.79
C THR B 57 20.05 23.72 -5.87
N THR B 58 20.12 22.99 -6.97
CA THR B 58 19.12 22.00 -7.31
C THR B 58 19.82 20.73 -7.80
N TYR B 59 19.27 19.58 -7.43
CA TYR B 59 19.75 18.27 -7.95
C TYR B 59 18.58 17.49 -8.54
N TYR B 60 18.84 16.73 -9.59
CA TYR B 60 17.81 15.94 -10.28
C TYR B 60 18.32 14.54 -10.59
N ARG B 61 17.38 13.59 -10.58
CA ARG B 61 17.61 12.26 -11.14
C ARG B 61 18.03 12.44 -12.60
N PRO B 62 19.21 11.96 -12.98
CA PRO B 62 19.70 12.24 -14.35
C PRO B 62 18.74 11.89 -15.48
N SER B 63 18.09 10.74 -15.38
CA SER B 63 17.15 10.27 -16.40
C SER B 63 15.92 11.14 -16.58
N LEU B 64 15.57 11.96 -15.58
CA LEU B 64 14.43 12.89 -15.63
C LEU B 64 14.78 14.36 -15.72
N GLU B 65 16.07 14.69 -15.66
CA GLU B 65 16.45 16.11 -15.56
C GLU B 65 15.92 16.96 -16.70
N SER B 66 15.74 16.38 -17.90
CA SER B 66 15.16 17.16 -19.00
C SER B 66 13.67 17.55 -18.82
N ARG B 67 12.94 16.83 -17.98
CA ARG B 67 11.50 17.03 -17.83
C ARG B 67 11.12 17.65 -16.50
N LEU B 68 12.06 17.68 -15.54
CA LEU B 68 11.73 17.88 -14.15
C LEU B 68 12.21 19.26 -13.70
N THR B 69 11.32 20.00 -13.05
CA THR B 69 11.71 21.21 -12.32
C THR B 69 11.21 21.12 -10.89
N ILE B 70 12.12 21.34 -9.96
CA ILE B 70 11.82 21.39 -8.54
C ILE B 70 12.24 22.78 -8.03
N ALA B 71 11.30 23.46 -7.40
CA ALA B 71 11.53 24.82 -6.94
C ALA B 71 10.89 25.04 -5.60
N MET B 72 11.23 26.15 -4.96
CA MET B 72 10.62 26.48 -3.69
C MET B 72 10.27 27.96 -3.63
N ASP B 73 9.29 28.25 -2.78
CA ASP B 73 8.83 29.62 -2.54
C ASP B 73 8.78 29.81 -1.02
N PRO B 74 9.87 30.36 -0.45
CA PRO B 74 9.94 30.64 0.99
C PRO B 74 8.82 31.53 1.53
N SER B 75 8.29 32.44 0.71
CA SER B 75 7.16 33.31 1.10
C SER B 75 5.87 32.53 1.37
N LYS B 76 5.65 31.47 0.59
CA LYS B 76 4.48 30.62 0.70
C LYS B 76 4.75 29.34 1.48
N ASN B 77 6.02 29.09 1.83
CA ASN B 77 6.44 27.85 2.46
C ASN B 77 6.04 26.65 1.60
N GLN B 78 6.41 26.74 0.33
CA GLN B 78 6.08 25.70 -0.63
C GLN B 78 7.29 25.21 -1.37
N VAL B 79 7.27 23.92 -1.69
CA VAL B 79 8.18 23.32 -2.66
C VAL B 79 7.29 22.66 -3.72
N SER B 80 7.69 22.83 -4.97
CA SER B 80 6.88 22.44 -6.11
C SER B 80 7.62 21.42 -6.93
N LEU B 81 6.85 20.60 -7.63
CA LEU B 81 7.38 19.70 -8.63
C LEU B 81 6.62 20.00 -9.90
N SER B 82 7.35 20.01 -11.01
CA SER B 82 6.78 20.14 -12.33
C SER B 82 7.48 19.14 -13.25
N LEU B 83 6.74 18.14 -13.72
CA LEU B 83 7.29 17.10 -14.59
C LEU B 83 6.56 17.16 -15.91
N THR B 84 7.28 17.51 -16.96
CA THR B 84 6.67 17.70 -18.27
C THR B 84 6.66 16.39 -19.05
N SER B 85 5.95 16.42 -20.17
CA SER B 85 5.82 15.27 -21.06
C SER B 85 5.60 13.95 -20.32
N VAL B 86 4.56 13.89 -19.49
CA VAL B 86 4.32 12.71 -18.66
C VAL B 86 3.92 11.51 -19.52
N THR B 87 4.30 10.34 -19.06
CA THR B 87 3.87 9.12 -19.69
C THR B 87 3.26 8.26 -18.61
N VAL B 88 2.66 7.16 -19.05
CA VAL B 88 2.10 6.15 -18.14
CA VAL B 88 2.09 6.18 -18.13
C VAL B 88 3.08 5.74 -17.05
N ALA B 89 4.38 5.70 -17.38
CA ALA B 89 5.40 5.29 -16.43
C ALA B 89 5.59 6.25 -15.25
N ASP B 90 5.04 7.47 -15.34
CA ASP B 90 5.08 8.45 -14.25
C ASP B 90 3.95 8.29 -13.21
N SER B 91 3.06 7.32 -13.44
CA SER B 91 2.09 6.93 -12.44
C SER B 91 2.80 6.42 -11.18
N ALA B 92 2.49 7.04 -10.04
CA ALA B 92 3.19 6.76 -8.79
C ALA B 92 2.55 7.49 -7.61
N MET B 93 2.91 7.06 -6.41
CA MET B 93 2.73 7.86 -5.21
C MET B 93 3.89 8.85 -5.14
N TYR B 94 3.59 10.14 -4.99
CA TYR B 94 4.59 11.18 -4.91
C TYR B 94 4.65 11.73 -3.49
N TYR B 95 5.86 11.74 -2.93
CA TYR B 95 6.13 12.17 -1.56
C TYR B 95 7.00 13.42 -1.58
N CYS B 96 6.60 14.40 -0.78
CA CYS B 96 7.40 15.55 -0.39
C CYS B 96 8.31 15.13 0.77
N VAL B 97 9.58 15.53 0.75
CA VAL B 97 10.51 15.29 1.85
C VAL B 97 11.34 16.52 2.21
N ARG B 98 11.72 16.60 3.48
CA ARG B 98 12.83 17.42 3.89
C ARG B 98 14.09 16.58 3.87
N ILE B 99 15.15 17.15 3.30
CA ILE B 99 16.44 16.46 3.18
C ILE B 99 17.55 17.23 3.90
N ARG B 100 18.29 16.53 4.75
CA ARG B 100 19.55 17.08 5.27
C ARG B 100 20.60 16.70 4.24
N GLY B 101 21.17 17.69 3.57
CA GLY B 101 22.17 17.46 2.53
C GLY B 101 23.61 17.24 3.00
N GLY B 102 24.53 18.00 2.41
CA GLY B 102 25.94 17.70 2.49
C GLY B 102 26.21 16.25 2.16
N SER B 103 26.97 15.60 3.03
CA SER B 103 27.29 14.20 2.85
C SER B 103 26.29 13.31 3.57
N SER B 104 25.35 13.87 4.33
CA SER B 104 24.40 13.04 5.11
C SER B 104 23.27 12.48 4.24
N ASN B 105 22.57 13.34 3.52
CA ASN B 105 21.47 12.92 2.62
C ASN B 105 20.46 12.00 3.31
N TRP B 106 19.92 12.49 4.42
CA TRP B 106 18.83 11.80 5.09
C TRP B 106 17.54 12.55 4.86
N LEU B 107 16.46 11.78 4.81
CA LEU B 107 15.14 12.28 4.47
C LEU B 107 14.20 12.15 5.67
N ASP B 108 13.82 13.28 6.26
CA ASP B 108 12.94 13.28 7.44
C ASP B 108 12.41 14.68 7.68
N PRO B 109 11.09 14.88 7.69
CA PRO B 109 10.07 13.84 7.53
C PRO B 109 9.62 13.69 6.09
N TRP B 110 8.66 12.77 5.89
CA TRP B 110 8.01 12.53 4.59
C TRP B 110 6.55 12.97 4.70
N GLY B 111 6.01 13.57 3.65
CA GLY B 111 4.58 13.80 3.59
C GLY B 111 3.82 12.49 3.43
N PRO B 112 2.48 12.53 3.60
CA PRO B 112 1.67 11.31 3.55
C PRO B 112 1.65 10.67 2.15
N GLY B 113 1.90 11.49 1.12
CA GLY B 113 2.00 11.05 -0.26
C GLY B 113 0.72 11.36 -1.01
N ILE B 114 0.85 11.58 -2.32
CA ILE B 114 -0.29 11.79 -3.22
C ILE B 114 -0.21 10.84 -4.41
N VAL B 115 -1.33 10.17 -4.72
CA VAL B 115 -1.35 9.17 -5.79
C VAL B 115 -1.65 9.89 -7.08
N VAL B 116 -0.79 9.68 -8.08
CA VAL B 116 -0.94 10.28 -9.38
C VAL B 116 -0.95 9.16 -10.40
N THR B 117 -1.94 9.23 -11.27
CA THR B 117 -2.05 8.35 -12.39
C THR B 117 -1.90 9.17 -13.66
N ALA B 118 -1.01 8.72 -14.55
CA ALA B 118 -0.91 9.27 -15.87
C ALA B 118 -1.63 8.33 -16.82
N SER B 119 -2.72 8.78 -17.40
CA SER B 119 -3.54 7.94 -18.27
C SER B 119 -4.49 8.77 -19.12
N SER B 120 -4.88 8.23 -20.27
CA SER B 120 -5.89 8.82 -21.14
C SER B 120 -7.31 8.36 -20.79
N ALA B 121 -7.44 7.32 -19.96
CA ALA B 121 -8.75 6.77 -19.55
C ALA B 121 -9.60 7.76 -18.76
N LYS B 122 -10.92 7.64 -18.89
CA LYS B 122 -11.83 8.58 -18.26
C LYS B 122 -12.02 8.24 -16.81
N THR B 123 -12.13 9.27 -16.00
CA THR B 123 -12.51 9.11 -14.61
C THR B 123 -13.89 8.49 -14.52
N THR B 124 -14.02 7.43 -13.74
CA THR B 124 -15.28 6.72 -13.55
C THR B 124 -15.54 6.52 -12.05
N PRO B 125 -16.72 6.92 -11.55
CA PRO B 125 -17.00 6.70 -10.13
C PRO B 125 -17.28 5.21 -9.84
N PRO B 126 -17.08 4.75 -8.59
CA PRO B 126 -17.33 3.34 -8.29
C PRO B 126 -18.80 3.02 -8.19
N SER B 127 -19.14 1.79 -8.53
CA SER B 127 -20.38 1.18 -8.11
C SER B 127 -20.08 0.42 -6.82
N VAL B 128 -20.92 0.59 -5.80
CA VAL B 128 -20.72 -0.06 -4.52
C VAL B 128 -21.88 -1.01 -4.20
N TYR B 129 -21.54 -2.25 -3.90
CA TYR B 129 -22.50 -3.32 -3.66
C TYR B 129 -22.36 -3.88 -2.25
N PRO B 130 -23.48 -4.03 -1.51
CA PRO B 130 -23.42 -4.65 -0.19
C PRO B 130 -23.11 -6.14 -0.25
N LEU B 131 -22.34 -6.61 0.72
CA LEU B 131 -22.09 -8.03 0.89
C LEU B 131 -22.70 -8.42 2.23
N ALA B 132 -23.85 -9.09 2.16
CA ALA B 132 -24.55 -9.67 3.31
C ALA B 132 -24.60 -11.21 3.20
N PRO B 133 -24.57 -11.91 4.35
CA PRO B 133 -24.71 -13.38 4.38
C PRO B 133 -25.96 -13.88 3.64
N GLY B 134 -25.83 -15.01 2.96
CA GLY B 134 -26.96 -15.61 2.24
C GLY B 134 -27.96 -16.21 3.21
N CYS B 135 -29.14 -16.57 2.71
CA CYS B 135 -30.16 -17.21 3.54
C CYS B 135 -29.64 -18.57 4.02
N GLY B 136 -29.90 -18.90 5.28
CA GLY B 136 -29.42 -20.15 5.88
C GLY B 136 -28.00 -20.08 6.41
N THR B 139 -24.72 -18.90 11.84
CA THR B 139 -23.86 -17.89 12.45
C THR B 139 -23.16 -18.42 13.72
N GLY B 140 -21.89 -18.04 13.88
CA GLY B 140 -21.13 -18.26 15.12
C GLY B 140 -21.09 -16.99 15.95
N SER B 141 -20.03 -16.80 16.72
CA SER B 141 -19.93 -15.67 17.64
C SER B 141 -19.59 -14.33 16.97
N SER B 142 -18.98 -14.36 15.78
CA SER B 142 -18.78 -13.15 14.99
C SER B 142 -19.55 -13.24 13.68
N VAL B 143 -19.79 -12.09 13.05
CA VAL B 143 -20.40 -12.02 11.73
C VAL B 143 -19.57 -11.08 10.84
N THR B 144 -19.33 -11.50 9.60
CA THR B 144 -18.53 -10.72 8.66
C THR B 144 -19.46 -10.22 7.57
N LEU B 145 -19.34 -8.93 7.26
CA LEU B 145 -20.09 -8.28 6.20
C LEU B 145 -19.06 -7.63 5.26
N GLY B 146 -19.54 -7.07 4.16
CA GLY B 146 -18.62 -6.38 3.25
C GLY B 146 -19.25 -5.43 2.27
N CYS B 147 -18.38 -4.72 1.56
CA CYS B 147 -18.77 -3.92 0.42
C CYS B 147 -17.85 -4.24 -0.73
N LEU B 148 -18.45 -4.43 -1.90
CA LEU B 148 -17.73 -4.66 -3.14
C LEU B 148 -17.75 -3.36 -3.94
N VAL B 149 -16.57 -2.92 -4.33
CA VAL B 149 -16.40 -1.60 -4.97
C VAL B 149 -15.87 -1.84 -6.39
N LYS B 150 -16.69 -1.55 -7.38
CA LYS B 150 -16.42 -2.00 -8.72
C LYS B 150 -16.50 -0.86 -9.74
N GLY B 151 -15.65 -0.97 -10.76
CA GLY B 151 -15.78 -0.15 -11.95
C GLY B 151 -15.35 1.28 -11.83
N TYR B 152 -14.32 1.55 -11.02
CA TYR B 152 -13.84 2.94 -10.85
C TYR B 152 -12.46 3.18 -11.47
N PHE B 153 -12.17 4.45 -11.73
CA PHE B 153 -10.88 4.85 -12.26
C PHE B 153 -10.71 6.33 -11.99
N PRO B 154 -9.53 6.82 -11.57
CA PRO B 154 -8.34 6.06 -11.24
C PRO B 154 -8.35 5.69 -9.78
N GLU B 155 -7.25 5.14 -9.28
CA GLU B 155 -7.04 5.05 -7.83
C GLU B 155 -6.98 6.43 -7.17
N SER B 156 -7.31 6.56 -5.89
CA SER B 156 -7.68 5.50 -4.99
C SER B 156 -9.11 5.73 -4.51
N VAL B 157 -9.61 4.75 -3.77
CA VAL B 157 -10.83 4.92 -2.98
C VAL B 157 -10.45 4.69 -1.51
N THR B 158 -11.25 5.25 -0.62
CA THR B 158 -11.11 4.98 0.81
CA THR B 158 -11.12 5.07 0.82
C THR B 158 -12.44 4.46 1.32
N VAL B 159 -12.38 3.29 1.94
CA VAL B 159 -13.53 2.62 2.50
C VAL B 159 -13.49 2.66 4.03
N THR B 160 -14.56 3.16 4.62
CA THR B 160 -14.71 3.14 6.05
C THR B 160 -16.05 2.50 6.41
N TRP B 161 -16.14 2.07 7.66
CA TRP B 161 -17.30 1.38 8.19
C TRP B 161 -17.87 2.09 9.40
N ASN B 162 -19.12 2.55 9.27
CA ASN B 162 -19.88 3.10 10.40
C ASN B 162 -20.68 1.99 11.08
N SER B 163 -20.16 1.52 12.22
CA SER B 163 -20.91 0.65 13.12
C SER B 163 -21.24 1.40 14.44
N GLY B 164 -21.50 2.70 14.35
CA GLY B 164 -21.77 3.52 15.55
C GLY B 164 -20.60 3.52 16.52
N SER B 165 -20.91 3.32 17.81
CA SER B 165 -19.89 3.19 18.87
C SER B 165 -19.31 1.77 18.98
N LEU B 166 -19.89 0.80 18.27
CA LEU B 166 -19.34 -0.55 18.24
C LEU B 166 -17.99 -0.55 17.52
N SER B 167 -17.01 -1.20 18.13
CA SER B 167 -15.69 -1.39 17.51
C SER B 167 -15.77 -2.55 16.52
N SER B 168 -14.97 -2.50 15.46
CA SER B 168 -15.02 -3.52 14.38
C SER B 168 -13.63 -3.86 13.82
N SER B 169 -13.48 -5.06 13.25
CA SER B 169 -12.24 -5.53 12.59
C SER B 169 -12.37 -5.47 11.05
N VAL B 170 -11.61 -4.58 10.42
CA VAL B 170 -11.76 -4.27 9.00
C VAL B 170 -10.58 -4.81 8.18
N HIS B 171 -10.86 -5.41 7.02
CA HIS B 171 -9.83 -5.69 6.04
C HIS B 171 -10.18 -5.03 4.71
N THR B 172 -9.26 -4.23 4.20
CA THR B 172 -9.39 -3.57 2.93
C THR B 172 -8.48 -4.26 1.94
N PHE B 173 -9.06 -4.80 0.88
CA PHE B 173 -8.29 -5.54 -0.10
C PHE B 173 -7.79 -4.64 -1.24
N PRO B 174 -6.52 -4.83 -1.65
CA PRO B 174 -5.98 -4.02 -2.74
C PRO B 174 -6.75 -4.19 -4.01
N ALA B 175 -6.92 -3.08 -4.74
CA ALA B 175 -7.65 -3.08 -6.00
C ALA B 175 -6.95 -3.86 -7.10
N LEU B 176 -7.75 -4.39 -8.02
CA LEU B 176 -7.29 -5.08 -9.21
C LEU B 176 -7.89 -4.34 -10.41
N LEU B 177 -7.05 -4.03 -11.41
CA LEU B 177 -7.48 -3.33 -12.63
C LEU B 177 -7.96 -4.33 -13.67
N GLN B 178 -9.09 -4.04 -14.32
CA GLN B 178 -9.68 -4.91 -15.34
C GLN B 178 -10.65 -4.14 -16.24
N SER B 179 -10.48 -4.24 -17.56
CA SER B 179 -11.28 -3.44 -18.50
C SER B 179 -11.04 -1.93 -18.33
N GLY B 180 -9.82 -1.56 -17.92
CA GLY B 180 -9.53 -0.18 -17.54
C GLY B 180 -10.24 0.32 -16.30
N LEU B 181 -10.77 -0.60 -15.47
CA LEU B 181 -11.48 -0.24 -14.22
C LEU B 181 -11.06 -1.10 -13.03
N TYR B 182 -10.95 -0.44 -11.88
CA TYR B 182 -10.50 -1.08 -10.66
C TYR B 182 -11.71 -1.68 -9.92
N THR B 183 -11.45 -2.80 -9.28
CA THR B 183 -12.36 -3.41 -8.35
C THR B 183 -11.62 -3.70 -7.07
N MET B 184 -12.24 -3.39 -5.94
CA MET B 184 -11.71 -3.77 -4.64
C MET B 184 -12.90 -4.11 -3.75
N SER B 185 -12.63 -4.66 -2.58
CA SER B 185 -13.63 -4.91 -1.57
C SER B 185 -13.07 -4.61 -0.20
N SER B 186 -13.97 -4.58 0.78
CA SER B 186 -13.63 -4.40 2.19
C SER B 186 -14.56 -5.28 3.01
N SER B 187 -14.00 -5.97 4.01
CA SER B 187 -14.76 -6.78 4.94
C SER B 187 -14.73 -6.11 6.31
N VAL B 188 -15.82 -6.30 7.05
CA VAL B 188 -15.93 -5.82 8.41
C VAL B 188 -16.47 -6.98 9.22
N THR B 189 -15.90 -7.18 10.41
CA THR B 189 -16.30 -8.24 11.29
C THR B 189 -16.67 -7.62 12.65
N VAL B 190 -17.84 -8.02 13.13
CA VAL B 190 -18.45 -7.51 14.35
C VAL B 190 -19.00 -8.71 15.14
N PRO B 191 -19.22 -8.55 16.46
CA PRO B 191 -19.93 -9.60 17.22
C PRO B 191 -21.30 -9.93 16.62
N SER B 192 -21.65 -11.21 16.59
CA SER B 192 -22.91 -11.65 15.95
C SER B 192 -24.15 -11.10 16.64
N SER B 193 -24.03 -10.78 17.94
CA SER B 193 -25.11 -10.19 18.69
C SER B 193 -25.41 -8.74 18.31
N THR B 194 -24.61 -8.14 17.42
CA THR B 194 -24.70 -6.70 17.18
C THR B 194 -25.37 -6.34 15.88
N TRP B 195 -25.11 -7.09 14.82
CA TRP B 195 -25.78 -6.86 13.56
C TRP B 195 -26.76 -8.00 13.42
N PRO B 196 -28.01 -7.72 13.00
CA PRO B 196 -28.47 -6.46 12.40
C PRO B 196 -29.05 -5.36 13.28
N SER B 197 -29.14 -5.52 14.60
CA SER B 197 -29.70 -4.45 15.45
C SER B 197 -28.84 -3.18 15.46
N GLN B 198 -27.52 -3.33 15.41
CA GLN B 198 -26.63 -2.22 15.20
C GLN B 198 -26.48 -2.15 13.69
N THR B 199 -26.72 -0.97 13.13
CA THR B 199 -26.52 -0.77 11.72
C THR B 199 -25.01 -0.81 11.41
N VAL B 200 -24.68 -1.30 10.21
CA VAL B 200 -23.32 -1.33 9.71
C VAL B 200 -23.38 -0.86 8.28
N THR B 201 -22.63 0.20 7.98
CA THR B 201 -22.69 0.90 6.71
C THR B 201 -21.27 1.20 6.22
N CYS B 202 -20.97 0.83 4.97
CA CYS B 202 -19.71 1.23 4.37
C CYS B 202 -19.88 2.57 3.67
N SER B 203 -18.84 3.38 3.74
CA SER B 203 -18.75 4.64 2.99
C SER B 203 -17.51 4.59 2.13
N VAL B 204 -17.69 4.86 0.84
CA VAL B 204 -16.67 4.71 -0.18
C VAL B 204 -16.48 6.05 -0.82
N ALA B 205 -15.31 6.64 -0.57
CA ALA B 205 -15.01 7.94 -1.15
C ALA B 205 -14.06 7.76 -2.33
N HIS B 206 -14.37 8.45 -3.43
CA HIS B 206 -13.55 8.43 -4.64
C HIS B 206 -13.26 9.87 -5.03
N PRO B 207 -12.19 10.45 -4.45
CA PRO B 207 -11.91 11.87 -4.68
C PRO B 207 -11.80 12.25 -6.16
N ALA B 208 -11.22 11.37 -6.99
CA ALA B 208 -11.01 11.68 -8.40
C ALA B 208 -12.30 12.00 -9.16
N SER B 209 -13.41 11.39 -8.76
CA SER B 209 -14.71 11.64 -9.39
C SER B 209 -15.64 12.46 -8.52
N SER B 210 -15.12 12.96 -7.39
CA SER B 210 -15.86 13.79 -6.43
C SER B 210 -17.10 13.08 -5.87
N THR B 211 -16.97 11.76 -5.71
CA THR B 211 -18.11 10.89 -5.44
C THR B 211 -17.91 10.18 -4.12
N THR B 212 -18.98 10.15 -3.32
CA THR B 212 -19.05 9.32 -2.13
C THR B 212 -20.30 8.45 -2.17
N VAL B 213 -20.14 7.15 -1.97
CA VAL B 213 -21.25 6.18 -1.92
C VAL B 213 -21.28 5.42 -0.60
N ASP B 214 -22.44 5.44 0.07
CA ASP B 214 -22.69 4.66 1.27
C ASP B 214 -23.60 3.49 0.96
N LYS B 215 -23.33 2.34 1.58
CA LYS B 215 -24.23 1.19 1.53
C LYS B 215 -24.43 0.65 2.93
N LYS B 216 -25.67 0.68 3.38
CA LYS B 216 -26.06 0.08 4.64
C LYS B 216 -26.26 -1.41 4.38
N ILE B 217 -25.63 -2.24 5.17
CA ILE B 217 -25.75 -3.68 4.96
C ILE B 217 -27.00 -4.16 5.70
N GLU B 218 -27.99 -4.60 4.92
CA GLU B 218 -29.24 -5.12 5.48
C GLU B 218 -29.32 -6.63 5.31
N PRO B 219 -30.02 -7.31 6.23
CA PRO B 219 -30.16 -8.75 6.06
C PRO B 219 -30.93 -9.13 4.81
N ARG B 220 -30.57 -10.28 4.25
CA ARG B 220 -31.19 -10.78 3.02
C ARG B 220 -32.57 -11.36 3.30
N GLY C 4 28.91 25.34 5.57
CA GLY C 4 28.95 25.50 4.07
C GLY C 4 28.55 24.22 3.34
N GLU C 5 29.13 23.11 3.77
CA GLU C 5 28.94 21.79 3.15
C GLU C 5 27.46 21.37 3.03
N GLU C 6 26.64 21.84 3.96
CA GLU C 6 25.19 21.56 3.97
C GLU C 6 24.42 22.18 2.80
N GLY C 7 25.05 23.08 2.05
CA GLY C 7 24.44 23.71 0.90
C GLY C 7 24.53 22.95 -0.41
N LYS C 8 25.22 21.81 -0.38
CA LYS C 8 25.32 20.91 -1.53
C LYS C 8 24.84 19.52 -1.08
C CIR C 9 25.60 16.38 -2.39
O CIR C 9 25.89 16.61 -3.58
CA CIR C 9 24.50 17.17 -1.71
N CIR C 9 24.82 18.56 -1.98
C3 CIR C 9 23.14 16.82 -2.29
C4 CIR C 9 22.00 17.49 -1.53
C5 CIR C 9 20.63 16.94 -1.93
N6 CIR C 9 20.50 15.54 -1.52
C7 CIR C 9 19.46 14.79 -1.89
O7 CIR C 9 18.56 15.22 -2.61
N8 CIR C 9 19.46 13.52 -1.46
N GLY C 10 26.22 15.45 -1.70
CA GLY C 10 27.26 14.64 -2.31
C GLY C 10 27.81 13.55 -1.45
N ALA C 11 28.99 13.08 -1.84
CA ALA C 11 29.70 12.02 -1.14
C ALA C 11 30.44 12.57 0.09
N ARG C 12 30.88 11.67 0.95
CA ARG C 12 31.71 12.06 2.09
C ARG C 12 33.07 12.56 1.61
N GLY C 13 33.65 13.53 2.33
CA GLY C 13 34.97 14.10 1.99
C GLY C 13 36.12 13.13 2.20
C1 EDO D . 17.99 13.73 12.75
O1 EDO D . 17.87 13.24 14.10
C2 EDO D . 16.95 13.06 11.85
O2 EDO D . 15.66 13.68 12.02
#